data_4KMA
#
_entry.id   4KMA
#
_cell.length_a   71.824
_cell.length_b   113.367
_cell.length_c   131.147
_cell.angle_alpha   90.000
_cell.angle_beta   90.000
_cell.angle_gamma   90.000
#
_symmetry.space_group_name_H-M   'C 2 2 21'
#
loop_
_entity.id
_entity.type
_entity.pdbx_description
1 polymer GM14141p
2 water water
#
_entity_poly.entity_id   1
_entity_poly.type   'polypeptide(L)'
_entity_poly.pdbx_seq_one_letter_code
;MSYYHHHHHHDYDIPTTENLYFQGAMDPEFMAEANLDKKPEVKPPPGLKAIIDHLGQVYPNQPNPLQVTTLLKYWLGGQD
PLDYISMYNYPGDVDRNVPPHWHYISFGLSDLHGDERVHLREEGVTRSGMGFELTFRLAKTEIELKQQIENPEKPQRPPT
WPANLLQAIGRYCFQTGNGLCFGDNIPWRKSLDGSTTSKLQNLLVAQDPQLGCIDTPTGTVDFCQIVGVFDDELEQASRW
NGRGVLNFLRQDMQTGGDWLVTNMDRQMSVFELFPETLLNLQDDLEKQGSDLAGVNADFTFRELKPTKEVKEEVDFQALS
EKCANDENNRQLTDTQMKREEPSFPQSMSMSSNSLHKSCPLDFQAQAPNCISLDGIEITLAPGVAKYLLLAIKDRIRHGR
HFTFKAQHLALTLVAESVTGSAVTVNEPYGVLGYWIQVLIPDELVPRLMEDFCSAGLDEKCEPKERLELEWPDKNLKLII
DQPEPVLPMSLDAAPLKM
;
_entity_poly.pdbx_strand_id   A
#
# COMPACT_ATOMS: atom_id res chain seq x y z
N ALA A 25 22.47 -9.37 12.69
CA ALA A 25 21.74 -9.72 13.93
C ALA A 25 20.89 -8.58 14.48
N MET A 26 20.00 -8.89 15.42
CA MET A 26 19.11 -7.91 16.05
C MET A 26 19.87 -6.90 16.92
N ASP A 27 19.29 -5.71 17.08
CA ASP A 27 19.85 -4.66 17.92
C ASP A 27 19.67 -5.00 19.41
N PRO A 28 20.78 -5.23 20.13
CA PRO A 28 20.73 -5.64 21.55
C PRO A 28 20.26 -4.53 22.49
N GLU A 29 20.27 -3.29 22.01
CA GLU A 29 19.80 -2.16 22.82
C GLU A 29 18.26 -2.17 22.97
N PHE A 30 17.57 -2.83 22.04
CA PHE A 30 16.12 -2.86 22.06
C PHE A 30 15.51 -4.24 22.25
N MET A 31 16.12 -5.25 21.64
CA MET A 31 15.59 -6.62 21.72
C MET A 31 16.60 -7.63 22.24
N ALA A 32 16.10 -8.66 22.93
CA ALA A 32 16.92 -9.77 23.40
C ALA A 32 16.11 -11.07 23.51
N GLU A 33 16.79 -12.14 23.94
CA GLU A 33 16.19 -13.44 24.29
C GLU A 33 16.12 -14.39 23.10
N LYS A 43 -2.77 -16.79 33.89
CA LYS A 43 -2.85 -17.39 32.56
C LYS A 43 -2.44 -16.39 31.47
N PRO A 44 -1.73 -16.87 30.42
CA PRO A 44 -1.28 -16.02 29.30
C PRO A 44 -2.42 -15.27 28.59
N PRO A 45 -2.12 -14.09 28.02
CA PRO A 45 -3.09 -13.26 27.29
C PRO A 45 -3.82 -14.04 26.19
N PRO A 46 -5.13 -13.74 25.98
CA PRO A 46 -6.00 -14.45 25.03
C PRO A 46 -5.56 -14.38 23.57
N GLY A 47 -4.94 -13.27 23.19
CA GLY A 47 -4.41 -13.11 21.83
C GLY A 47 -3.13 -13.88 21.63
N LEU A 48 -2.25 -13.86 22.63
CA LEU A 48 -1.00 -14.61 22.60
C LEU A 48 -1.21 -16.11 22.54
N LYS A 49 -2.10 -16.63 23.40
CA LYS A 49 -2.36 -18.06 23.50
C LYS A 49 -2.91 -18.66 22.20
N ALA A 50 -3.81 -17.92 21.54
CA ALA A 50 -4.46 -18.40 20.32
C ALA A 50 -3.49 -18.50 19.14
N ILE A 51 -2.70 -17.45 18.92
CA ILE A 51 -1.70 -17.43 17.86
C ILE A 51 -0.66 -18.53 18.07
N ILE A 52 -0.16 -18.64 19.30
CA ILE A 52 0.86 -19.64 19.63
C ILE A 52 0.33 -21.08 19.53
N ASP A 53 -0.99 -21.25 19.68
CA ASP A 53 -1.62 -22.56 19.55
C ASP A 53 -1.80 -22.94 18.07
N HIS A 54 -2.19 -21.97 17.25
CA HIS A 54 -2.29 -22.16 15.81
C HIS A 54 -0.92 -22.44 15.20
N LEU A 55 0.10 -21.76 15.72
CA LEU A 55 1.48 -22.01 15.33
C LEU A 55 1.95 -23.40 15.77
N GLY A 56 1.39 -23.89 16.89
CA GLY A 56 1.65 -25.24 17.35
C GLY A 56 1.15 -26.29 16.38
N GLN A 57 -0.04 -26.06 15.83
CA GLN A 57 -0.63 -26.90 14.78
C GLN A 57 0.25 -26.94 13.53
N VAL A 58 0.72 -25.77 13.09
CA VAL A 58 1.53 -25.64 11.89
C VAL A 58 2.93 -26.23 12.07
N TYR A 59 3.48 -26.13 13.29
CA TYR A 59 4.82 -26.63 13.59
C TYR A 59 4.83 -27.60 14.79
N PRO A 60 4.41 -28.86 14.57
CA PRO A 60 4.37 -29.82 15.67
C PRO A 60 5.76 -30.26 16.17
N ASN A 61 6.73 -30.33 15.25
CA ASN A 61 8.11 -30.72 15.60
C ASN A 61 8.88 -29.62 16.33
N GLN A 62 8.33 -28.41 16.36
CA GLN A 62 9.01 -27.24 16.94
C GLN A 62 8.13 -26.50 17.95
N PRO A 63 7.98 -27.07 19.17
CA PRO A 63 7.10 -26.45 20.16
C PRO A 63 7.76 -25.28 20.93
N ASN A 64 9.09 -25.22 20.94
CA ASN A 64 9.82 -24.13 21.59
C ASN A 64 10.80 -23.44 20.64
N PRO A 65 10.26 -22.64 19.69
CA PRO A 65 11.14 -21.98 18.72
C PRO A 65 11.88 -20.79 19.33
N LEU A 66 12.95 -20.34 18.68
CA LEU A 66 13.63 -19.14 19.13
C LEU A 66 12.66 -17.96 19.06
N GLN A 67 12.45 -17.34 20.22
CA GLN A 67 11.54 -16.22 20.33
C GLN A 67 12.29 -15.03 20.88
N VAL A 68 12.13 -13.91 20.21
CA VAL A 68 12.77 -12.66 20.60
C VAL A 68 11.71 -11.71 21.15
N THR A 69 12.09 -10.87 22.11
CA THR A 69 11.18 -9.88 22.67
C THR A 69 11.85 -8.52 22.87
N THR A 70 11.02 -7.48 23.00
CA THR A 70 11.51 -6.13 23.29
C THR A 70 11.87 -5.96 24.76
N LEU A 71 12.96 -5.23 25.02
CA LEU A 71 13.39 -4.93 26.38
C LEU A 71 12.42 -3.96 27.05
N LEU A 72 12.04 -2.92 26.31
CA LEU A 72 11.04 -1.97 26.76
C LEU A 72 9.81 -2.13 25.85
N LYS A 73 8.74 -2.70 26.39
CA LYS A 73 7.52 -2.93 25.62
C LYS A 73 6.78 -1.64 25.27
N TYR A 74 5.96 -1.71 24.21
CA TYR A 74 5.28 -0.52 23.69
C TYR A 74 4.32 0.12 24.70
N TRP A 75 3.59 -0.71 25.44
CA TRP A 75 2.66 -0.22 26.45
C TRP A 75 3.37 0.32 27.69
N LEU A 76 4.70 0.23 27.70
CA LEU A 76 5.53 0.75 28.79
C LEU A 76 6.35 1.97 28.35
N GLY A 77 6.06 2.48 27.16
CA GLY A 77 6.69 3.71 26.67
C GLY A 77 7.60 3.55 25.47
N GLY A 78 7.94 2.30 25.14
CA GLY A 78 8.86 1.99 24.03
C GLY A 78 8.39 2.45 22.66
N GLN A 79 9.33 2.54 21.73
CA GLN A 79 9.06 2.95 20.35
C GLN A 79 8.61 1.76 19.50
N ASP A 80 8.85 0.56 20.03
CA ASP A 80 8.75 -0.70 19.28
C ASP A 80 7.47 -1.48 19.58
N PRO A 81 6.61 -1.67 18.56
CA PRO A 81 5.26 -2.22 18.78
C PRO A 81 5.15 -3.75 18.89
N LEU A 82 6.15 -4.48 18.41
CA LEU A 82 6.10 -5.94 18.40
C LEU A 82 6.66 -6.54 19.69
N ASP A 83 5.77 -7.16 20.47
CA ASP A 83 6.14 -7.75 21.75
C ASP A 83 7.02 -8.97 21.59
N TYR A 84 6.68 -9.85 20.65
CA TYR A 84 7.44 -11.07 20.41
C TYR A 84 7.60 -11.35 18.92
N ILE A 85 8.70 -12.01 18.58
CA ILE A 85 8.95 -12.47 17.22
C ILE A 85 9.44 -13.93 17.27
N SER A 86 8.59 -14.84 16.79
CA SER A 86 8.93 -16.26 16.71
C SER A 86 9.70 -16.55 15.43
N MET A 87 10.69 -17.43 15.53
CA MET A 87 11.57 -17.74 14.41
C MET A 87 11.65 -19.23 14.19
N TYR A 88 11.05 -19.70 13.11
CA TYR A 88 10.97 -21.12 12.80
C TYR A 88 11.96 -21.58 11.75
N ASN A 89 12.32 -22.86 11.84
CA ASN A 89 13.23 -23.50 10.91
C ASN A 89 12.44 -24.33 9.89
N TYR A 90 12.41 -23.90 8.64
CA TYR A 90 11.81 -24.70 7.57
C TYR A 90 12.89 -25.43 6.77
N PRO A 91 12.90 -26.77 6.85
CA PRO A 91 13.98 -27.59 6.31
C PRO A 91 14.07 -27.55 4.78
N GLY A 92 12.94 -27.32 4.12
CA GLY A 92 12.87 -27.33 2.66
C GLY A 92 11.95 -28.41 2.12
N ASP A 93 11.61 -28.28 0.84
CA ASP A 93 10.73 -29.22 0.15
C ASP A 93 10.64 -28.81 -1.33
N VAL A 94 11.64 -29.20 -2.11
CA VAL A 94 11.75 -28.79 -3.51
C VAL A 94 10.73 -29.44 -4.47
N ASP A 95 10.06 -30.49 -3.99
CA ASP A 95 8.97 -31.12 -4.74
C ASP A 95 7.81 -30.13 -4.92
N ARG A 96 7.42 -29.47 -3.84
CA ARG A 96 6.64 -28.25 -3.94
C ARG A 96 7.69 -27.19 -4.24
N ASN A 97 7.28 -25.98 -4.60
CA ASN A 97 8.31 -25.00 -4.90
C ASN A 97 8.71 -24.19 -3.68
N VAL A 98 9.35 -24.88 -2.72
CA VAL A 98 9.75 -24.27 -1.45
C VAL A 98 11.22 -24.57 -1.10
N PRO A 99 12.06 -23.53 -1.06
CA PRO A 99 13.46 -23.66 -0.63
C PRO A 99 13.59 -23.69 0.90
N PRO A 100 14.74 -24.19 1.41
CA PRO A 100 15.00 -24.10 2.84
C PRO A 100 15.09 -22.63 3.28
N HIS A 101 14.37 -22.30 4.35
CA HIS A 101 14.26 -20.92 4.78
C HIS A 101 13.92 -20.79 6.26
N TRP A 102 13.94 -19.55 6.74
CA TRP A 102 13.53 -19.23 8.10
C TRP A 102 12.20 -18.50 8.08
N HIS A 103 11.29 -18.89 8.98
CA HIS A 103 9.96 -18.31 9.05
C HIS A 103 9.79 -17.46 10.31
N TYR A 104 9.48 -16.18 10.11
CA TYR A 104 9.33 -15.22 11.19
C TYR A 104 7.86 -14.84 11.40
N ILE A 105 7.41 -14.84 12.65
CA ILE A 105 6.03 -14.44 12.99
C ILE A 105 6.04 -13.39 14.11
N SER A 106 5.29 -12.30 13.91
CA SER A 106 5.27 -11.21 14.87
C SER A 106 4.04 -11.25 15.74
N PHE A 107 4.18 -10.77 16.97
CA PHE A 107 3.08 -10.64 17.91
C PHE A 107 3.09 -9.21 18.41
N GLY A 108 2.00 -8.47 18.16
CA GLY A 108 1.94 -7.09 18.60
C GLY A 108 0.95 -6.25 17.82
N LEU A 109 0.87 -6.46 16.51
CA LEU A 109 -0.04 -5.70 15.67
C LEU A 109 -1.48 -6.10 15.94
N SER A 110 -1.68 -7.38 16.24
CA SER A 110 -2.98 -7.84 16.70
C SER A 110 -3.11 -7.59 18.20
N ASP A 111 -4.35 -7.55 18.68
CA ASP A 111 -4.62 -7.38 20.10
C ASP A 111 -4.31 -8.69 20.82
N LEU A 112 -3.26 -8.66 21.65
CA LEU A 112 -2.81 -9.84 22.38
C LEU A 112 -3.44 -9.92 23.77
N HIS A 113 -3.65 -8.75 24.38
CA HIS A 113 -4.06 -8.66 25.79
C HIS A 113 -5.56 -8.40 25.98
N GLY A 114 -6.12 -7.55 25.12
CA GLY A 114 -7.56 -7.25 25.15
C GLY A 114 -8.02 -6.33 26.27
N ASP A 115 -7.07 -5.79 27.04
CA ASP A 115 -7.39 -4.93 28.17
C ASP A 115 -7.11 -3.45 27.87
N GLU A 116 -7.19 -3.10 26.59
CA GLU A 116 -7.02 -1.73 26.09
C GLU A 116 -5.66 -1.08 26.39
N ARG A 117 -4.60 -1.89 26.47
CA ARG A 117 -3.27 -1.36 26.78
C ARG A 117 -2.53 -0.84 25.54
N VAL A 118 -2.82 -1.44 24.38
CA VAL A 118 -2.26 -0.98 23.11
C VAL A 118 -3.39 -0.66 22.12
N HIS A 119 -4.32 -1.61 21.97
CA HIS A 119 -5.39 -1.50 20.98
C HIS A 119 -6.75 -1.18 21.61
N LEU A 120 -7.44 -0.23 21.01
CA LEU A 120 -8.78 0.18 21.46
C LEU A 120 -9.83 -0.82 21.01
N ARG A 121 -10.86 -1.00 21.83
CA ARG A 121 -11.97 -1.89 21.50
C ARG A 121 -13.28 -1.11 21.39
N GLU A 122 -13.81 -1.04 20.16
CA GLU A 122 -15.06 -0.32 19.91
C GLU A 122 -16.30 -1.21 20.10
N GLU A 123 -16.07 -2.51 20.31
CA GLU A 123 -17.13 -3.52 20.51
C GLU A 123 -17.99 -3.78 19.26
N GLY A 124 -17.79 -2.98 18.22
CA GLY A 124 -18.44 -3.19 16.92
C GLY A 124 -17.48 -3.75 15.86
N VAL A 125 -16.19 -3.79 16.20
CA VAL A 125 -15.15 -4.24 15.27
C VAL A 125 -14.84 -5.74 15.41
N THR A 126 -14.54 -6.39 14.29
CA THR A 126 -14.28 -7.84 14.26
C THR A 126 -12.79 -8.17 14.25
N ARG A 127 -11.97 -7.20 13.82
CA ARG A 127 -10.52 -7.36 13.76
C ARG A 127 -9.90 -7.34 15.14
N SER A 128 -8.88 -8.17 15.36
CA SER A 128 -8.08 -8.12 16.57
C SER A 128 -6.95 -7.12 16.36
N GLY A 129 -7.03 -5.97 17.02
CA GLY A 129 -6.06 -4.89 16.85
C GLY A 129 -6.13 -4.29 15.46
N MET A 130 -5.01 -4.33 14.74
CA MET A 130 -4.98 -3.88 13.35
C MET A 130 -5.48 -4.95 12.39
N GLY A 131 -5.66 -6.17 12.92
CA GLY A 131 -6.30 -7.26 12.19
C GLY A 131 -5.38 -8.24 11.49
N PHE A 132 -4.08 -8.16 11.80
CA PHE A 132 -3.09 -9.00 11.15
C PHE A 132 -1.79 -9.09 11.94
N GLU A 133 -0.93 -10.01 11.52
CA GLU A 133 0.43 -10.12 12.03
C GLU A 133 1.40 -10.42 10.89
N LEU A 134 2.57 -9.79 10.97
CA LEU A 134 3.60 -9.92 9.94
C LEU A 134 4.27 -11.29 9.97
N THR A 135 4.46 -11.87 8.79
CA THR A 135 5.32 -13.05 8.63
C THR A 135 6.35 -12.81 7.54
N PHE A 136 7.53 -13.39 7.71
CA PHE A 136 8.62 -13.21 6.76
C PHE A 136 9.30 -14.55 6.51
N ARG A 137 9.54 -14.85 5.24
CA ARG A 137 10.22 -16.09 4.87
C ARG A 137 11.57 -15.78 4.23
N LEU A 138 12.65 -16.05 4.96
CA LEU A 138 14.00 -15.73 4.51
C LEU A 138 14.79 -16.97 4.10
N ALA A 139 15.16 -17.03 2.82
CA ALA A 139 15.97 -18.14 2.30
C ALA A 139 17.29 -18.29 3.04
N LYS A 140 17.64 -19.54 3.36
CA LYS A 140 18.94 -19.84 3.93
C LYS A 140 20.01 -19.59 2.88
N THR A 141 21.15 -19.03 3.32
CA THR A 141 22.30 -18.85 2.44
C THR A 141 23.02 -20.18 2.30
N GLU A 142 23.76 -20.35 1.21
CA GLU A 142 24.52 -21.59 0.98
C GLU A 142 25.50 -21.87 2.11
N ILE A 143 25.98 -20.81 2.74
CA ILE A 143 26.85 -20.90 3.91
C ILE A 143 26.11 -21.60 5.06
N GLU A 144 24.86 -21.17 5.30
CA GLU A 144 24.00 -21.79 6.31
C GLU A 144 23.54 -23.19 5.89
N LEU A 145 23.35 -23.38 4.59
CA LEU A 145 22.88 -24.66 4.05
C LEU A 145 23.88 -25.79 4.28
N LYS A 146 25.17 -25.47 4.15
CA LYS A 146 26.24 -26.43 4.40
C LYS A 146 26.15 -26.99 5.82
N GLN A 147 25.76 -26.14 6.77
CA GLN A 147 25.61 -26.55 8.15
C GLN A 147 24.42 -27.50 8.35
N GLN A 148 23.28 -27.15 7.76
CA GLN A 148 22.03 -27.92 7.91
C GLN A 148 22.21 -29.43 7.77
N ILE A 149 22.72 -29.87 6.62
CA ILE A 149 22.93 -31.29 6.35
C ILE A 149 24.39 -31.72 6.57
N GLU A 150 25.30 -30.90 6.03
CA GLU A 150 26.67 -31.28 5.85
C GLU A 150 27.58 -31.02 7.06
N ASN A 151 27.95 -29.77 7.31
CA ASN A 151 29.07 -29.55 8.23
C ASN A 151 28.91 -29.96 9.70
N PRO A 152 27.77 -29.61 10.32
CA PRO A 152 27.47 -30.13 11.64
C PRO A 152 25.96 -30.22 11.88
N GLU A 153 25.53 -31.16 12.70
CA GLU A 153 24.11 -31.34 12.98
C GLU A 153 23.70 -30.84 14.37
N LYS A 154 24.54 -30.00 14.94
CA LYS A 154 24.21 -29.29 16.15
C LYS A 154 23.17 -28.23 15.80
N PRO A 155 22.52 -27.66 16.79
CA PRO A 155 21.28 -26.91 16.59
C PRO A 155 21.52 -25.75 15.67
N GLN A 156 20.57 -25.46 14.79
CA GLN A 156 20.73 -24.34 13.90
C GLN A 156 19.81 -23.23 14.29
N ARG A 157 20.39 -22.20 14.86
CA ARG A 157 19.64 -21.02 15.28
C ARG A 157 19.45 -20.03 14.12
N PRO A 158 18.21 -19.55 13.92
CA PRO A 158 17.90 -18.55 12.88
C PRO A 158 18.69 -17.25 13.04
N PRO A 159 18.93 -16.53 11.93
CA PRO A 159 19.48 -15.18 12.01
C PRO A 159 18.45 -14.24 12.61
N THR A 160 18.88 -13.29 13.42
CA THR A 160 17.94 -12.44 14.15
C THR A 160 17.69 -11.09 13.50
N TRP A 161 18.48 -10.74 12.50
CA TRP A 161 18.36 -9.42 11.85
C TRP A 161 16.93 -9.05 11.36
N PRO A 162 16.12 -10.04 10.91
CA PRO A 162 14.77 -9.68 10.47
C PRO A 162 13.86 -9.14 11.57
N ALA A 163 14.29 -9.25 12.82
CA ALA A 163 13.58 -8.62 13.93
C ALA A 163 13.58 -7.10 13.76
N ASN A 164 14.72 -6.55 13.34
CA ASN A 164 14.84 -5.12 13.04
C ASN A 164 13.90 -4.70 11.91
N LEU A 165 13.88 -5.50 10.84
CA LEU A 165 13.01 -5.25 9.71
C LEU A 165 11.55 -5.26 10.13
N LEU A 166 11.16 -6.28 10.90
CA LEU A 166 9.76 -6.44 11.29
C LEU A 166 9.27 -5.32 12.22
N GLN A 167 10.11 -4.91 13.17
CA GLN A 167 9.78 -3.80 14.05
C GLN A 167 9.56 -2.54 13.23
N ALA A 168 10.47 -2.29 12.29
CA ALA A 168 10.45 -1.11 11.45
C ALA A 168 9.13 -0.92 10.69
N ILE A 169 8.62 -2.00 10.11
CA ILE A 169 7.37 -1.92 9.36
C ILE A 169 6.15 -1.93 10.30
N GLY A 170 6.34 -2.52 11.49
CA GLY A 170 5.36 -2.41 12.57
C GLY A 170 5.20 -0.95 12.97
N ARG A 171 6.31 -0.23 13.10
CA ARG A 171 6.29 1.20 13.37
C ARG A 171 5.58 1.95 12.24
N TYR A 172 5.87 1.58 11.00
CA TYR A 172 5.20 2.14 9.83
C TYR A 172 3.69 1.98 9.90
N CYS A 173 3.23 0.77 10.21
CA CYS A 173 1.81 0.45 10.32
C CYS A 173 1.12 1.30 11.37
N PHE A 174 1.75 1.39 12.55
CA PHE A 174 1.22 2.15 13.67
C PHE A 174 1.20 3.65 13.41
N GLN A 175 2.26 4.18 12.83
CA GLN A 175 2.40 5.63 12.64
C GLN A 175 1.59 6.21 11.48
N THR A 176 1.33 5.39 10.45
CA THR A 176 0.49 5.80 9.31
C THR A 176 -0.97 5.42 9.52
N GLY A 177 -1.20 4.36 10.29
CA GLY A 177 -2.53 3.80 10.45
C GLY A 177 -2.85 2.83 9.33
N ASN A 178 -1.88 2.66 8.43
CA ASN A 178 -2.04 1.80 7.27
C ASN A 178 -1.94 0.32 7.62
N GLY A 179 -3.10 -0.34 7.66
CA GLY A 179 -3.16 -1.79 7.79
C GLY A 179 -2.77 -2.43 6.48
N LEU A 180 -2.39 -3.70 6.53
CA LEU A 180 -1.95 -4.41 5.33
C LEU A 180 -3.03 -5.36 4.81
N CYS A 181 -3.21 -5.34 3.49
CA CYS A 181 -4.09 -6.28 2.80
C CYS A 181 -3.26 -7.12 1.85
N PHE A 182 -3.80 -8.27 1.43
CA PHE A 182 -3.10 -9.12 0.48
C PHE A 182 -3.00 -8.41 -0.86
N GLY A 183 -1.79 -8.17 -1.32
CA GLY A 183 -1.54 -7.43 -2.55
C GLY A 183 -1.03 -6.02 -2.35
N ASP A 184 -1.02 -5.56 -1.10
CA ASP A 184 -0.54 -4.21 -0.79
C ASP A 184 0.98 -4.08 -0.99
N ASN A 185 1.42 -2.86 -1.23
CA ASN A 185 2.85 -2.58 -1.30
C ASN A 185 3.31 -1.68 -0.15
N ILE A 186 4.60 -1.74 0.15
CA ILE A 186 5.19 -0.83 1.12
C ILE A 186 6.45 -0.22 0.51
N PRO A 187 6.33 1.00 -0.06
CA PRO A 187 7.49 1.74 -0.52
C PRO A 187 8.49 1.84 0.63
N TRP A 188 9.73 1.45 0.34
CA TRP A 188 10.76 1.22 1.32
C TRP A 188 12.02 1.32 0.51
N ARG A 189 12.86 2.30 0.80
CA ARG A 189 14.00 2.52 -0.08
C ARG A 189 15.29 2.22 0.64
N LYS A 190 15.42 0.97 1.09
CA LYS A 190 16.58 0.51 1.83
C LYS A 190 16.61 -1.02 1.87
N SER A 191 17.80 -1.61 1.66
CA SER A 191 17.97 -3.05 1.78
C SER A 191 17.44 -3.51 3.12
N LEU A 192 16.70 -4.61 3.11
CA LEU A 192 15.95 -5.05 4.30
C LEU A 192 16.85 -5.41 5.49
N ASP A 193 18.06 -5.85 5.20
CA ASP A 193 19.03 -6.22 6.23
C ASP A 193 19.95 -5.05 6.63
N GLY A 194 19.85 -3.94 5.91
CA GLY A 194 20.71 -2.78 6.13
C GLY A 194 22.11 -2.96 5.56
N SER A 195 22.26 -3.93 4.64
CA SER A 195 23.54 -4.21 4.02
C SER A 195 23.78 -3.28 2.83
N THR A 196 24.98 -3.35 2.26
CA THR A 196 25.32 -2.58 1.06
C THR A 196 25.36 -3.48 -0.18
N THR A 197 25.03 -4.76 0.01
CA THR A 197 25.08 -5.76 -1.06
C THR A 197 23.72 -6.11 -1.66
N SER A 198 22.67 -6.06 -0.85
CA SER A 198 21.35 -6.52 -1.28
C SER A 198 20.62 -5.56 -2.21
N LYS A 199 20.06 -6.11 -3.28
CA LYS A 199 19.34 -5.34 -4.30
C LYS A 199 17.84 -5.21 -4.04
N LEU A 200 17.31 -6.05 -3.15
CA LEU A 200 15.90 -5.96 -2.75
C LEU A 200 15.71 -4.78 -1.80
N GLN A 201 14.95 -3.79 -2.26
CA GLN A 201 14.79 -2.54 -1.51
C GLN A 201 13.35 -2.34 -0.99
N ASN A 202 12.37 -2.92 -1.68
CA ASN A 202 10.96 -2.68 -1.36
C ASN A 202 10.19 -3.92 -0.89
N LEU A 203 8.95 -3.70 -0.44
CA LEU A 203 8.13 -4.77 0.13
C LEU A 203 6.75 -4.92 -0.51
N LEU A 204 6.37 -6.17 -0.76
CA LEU A 204 5.01 -6.54 -1.14
C LEU A 204 4.36 -7.43 -0.08
N VAL A 205 3.03 -7.38 0.01
CA VAL A 205 2.30 -8.13 1.01
C VAL A 205 1.51 -9.27 0.36
N ALA A 206 1.68 -10.47 0.90
CA ALA A 206 0.97 -11.66 0.42
C ALA A 206 0.28 -12.41 1.55
N GLN A 207 -0.63 -13.31 1.17
CA GLN A 207 -1.18 -14.28 2.12
C GLN A 207 -0.10 -15.31 2.45
N ASP A 208 0.04 -15.62 3.74
CA ASP A 208 0.91 -16.69 4.20
C ASP A 208 0.28 -18.02 3.77
N PRO A 209 1.06 -18.88 3.09
CA PRO A 209 0.55 -20.15 2.58
C PRO A 209 0.32 -21.22 3.65
N GLN A 210 0.92 -21.04 4.82
CA GLN A 210 0.76 -21.97 5.94
C GLN A 210 -0.28 -21.49 6.94
N LEU A 211 -0.22 -20.19 7.24
CA LEU A 211 -1.13 -19.56 8.18
C LEU A 211 -2.14 -18.75 7.39
N GLY A 212 -3.41 -18.87 7.73
CA GLY A 212 -4.45 -18.16 6.99
C GLY A 212 -5.01 -17.00 7.77
N CYS A 213 -6.21 -17.21 8.32
CA CYS A 213 -6.84 -16.25 9.21
C CYS A 213 -7.48 -17.01 10.36
N ILE A 214 -7.23 -16.53 11.58
CA ILE A 214 -7.63 -17.25 12.78
C ILE A 214 -8.58 -16.42 13.65
N ASP A 215 -9.52 -17.10 14.29
CA ASP A 215 -10.40 -16.48 15.27
C ASP A 215 -9.71 -16.49 16.64
N THR A 216 -9.65 -15.34 17.28
CA THR A 216 -9.13 -15.22 18.65
C THR A 216 -10.21 -14.58 19.53
N PRO A 217 -10.10 -14.74 20.86
CA PRO A 217 -11.07 -14.10 21.77
C PRO A 217 -11.01 -12.56 21.73
N THR A 218 -9.99 -12.02 21.06
CA THR A 218 -9.86 -10.56 20.89
C THR A 218 -10.18 -10.11 19.47
N GLY A 219 -10.49 -11.06 18.58
CA GLY A 219 -10.89 -10.76 17.21
C GLY A 219 -10.20 -11.60 16.16
N THR A 220 -10.21 -11.11 14.91
CA THR A 220 -9.62 -11.86 13.78
C THR A 220 -8.19 -11.45 13.48
N VAL A 221 -7.43 -12.39 12.93
CA VAL A 221 -6.01 -12.17 12.61
C VAL A 221 -5.68 -12.69 11.21
N ASP A 222 -5.41 -11.77 10.29
CA ASP A 222 -4.82 -12.13 9.00
C ASP A 222 -3.34 -12.44 9.23
N PHE A 223 -2.77 -13.29 8.38
CA PHE A 223 -1.32 -13.47 8.41
C PHE A 223 -0.67 -12.94 7.14
N CYS A 224 -0.12 -11.74 7.26
CA CYS A 224 0.41 -10.99 6.12
C CYS A 224 1.90 -11.23 5.93
N GLN A 225 2.23 -12.02 4.93
CA GLN A 225 3.62 -12.31 4.61
C GLN A 225 4.28 -11.17 3.85
N ILE A 226 5.42 -10.74 4.36
CA ILE A 226 6.21 -9.68 3.77
C ILE A 226 7.19 -10.27 2.77
N VAL A 227 7.31 -9.64 1.61
CA VAL A 227 8.14 -10.15 0.51
C VAL A 227 9.02 -9.05 -0.07
N GLY A 228 10.32 -9.29 -0.08
CA GLY A 228 11.28 -8.34 -0.65
C GLY A 228 11.27 -8.33 -2.16
N VAL A 229 11.20 -7.14 -2.74
CA VAL A 229 11.11 -6.97 -4.19
C VAL A 229 12.02 -5.85 -4.72
N PHE A 230 12.18 -5.82 -6.04
CA PHE A 230 12.96 -4.78 -6.73
C PHE A 230 12.10 -3.55 -7.01
N ASP A 231 12.75 -2.44 -7.34
CA ASP A 231 12.09 -1.17 -7.70
C ASP A 231 11.03 -1.29 -8.80
N ASP A 232 11.38 -1.91 -9.93
CA ASP A 232 10.44 -2.12 -11.03
C ASP A 232 9.28 -3.05 -10.67
N GLU A 233 9.58 -4.07 -9.86
CA GLU A 233 8.56 -4.97 -9.32
C GLU A 233 7.58 -4.23 -8.41
N LEU A 234 8.07 -3.20 -7.71
CA LEU A 234 7.21 -2.35 -6.86
C LEU A 234 6.32 -1.41 -7.69
N GLU A 235 6.91 -0.76 -8.68
CA GLU A 235 6.17 0.16 -9.56
C GLU A 235 5.02 -0.54 -10.27
N GLN A 236 5.28 -1.76 -10.72
CA GLN A 236 4.28 -2.53 -11.46
C GLN A 236 3.12 -2.97 -10.57
N ALA A 237 3.43 -3.32 -9.33
CA ALA A 237 2.40 -3.69 -8.35
C ALA A 237 1.53 -2.48 -8.02
N SER A 238 2.13 -1.30 -8.00
CA SER A 238 1.40 -0.08 -7.70
C SER A 238 0.50 0.35 -8.87
N ARG A 239 1.06 0.27 -10.08
CA ARG A 239 0.34 0.68 -11.29
C ARG A 239 -0.71 -0.33 -11.74
N TRP A 240 -0.46 -1.60 -11.46
CA TRP A 240 -1.37 -2.69 -11.79
C TRP A 240 -2.00 -3.19 -10.48
N ASN A 241 -1.62 -4.37 -10.05
CA ASN A 241 -2.01 -4.89 -8.74
C ASN A 241 -0.95 -5.81 -8.15
N GLY A 242 -0.95 -5.91 -6.81
CA GLY A 242 0.04 -6.72 -6.10
C GLY A 242 -0.05 -8.21 -6.39
N ARG A 243 -1.27 -8.75 -6.34
CA ARG A 243 -1.49 -10.17 -6.56
C ARG A 243 -0.94 -10.65 -7.91
N GLY A 244 -1.03 -9.78 -8.91
CA GLY A 244 -0.54 -10.11 -10.25
C GLY A 244 0.97 -10.22 -10.30
N VAL A 245 1.66 -9.33 -9.60
CA VAL A 245 3.12 -9.36 -9.52
C VAL A 245 3.57 -10.56 -8.70
N LEU A 246 2.88 -10.81 -7.58
CA LEU A 246 3.16 -11.97 -6.74
C LEU A 246 2.97 -13.29 -7.48
N ASN A 247 1.99 -13.32 -8.38
CA ASN A 247 1.73 -14.51 -9.20
C ASN A 247 2.89 -14.82 -10.16
N PHE A 248 3.53 -13.77 -10.66
CA PHE A 248 4.74 -13.93 -11.45
C PHE A 248 5.90 -14.48 -10.61
N LEU A 249 6.05 -13.97 -9.40
CA LEU A 249 7.11 -14.40 -8.48
C LEU A 249 6.94 -15.84 -7.98
N ARG A 250 5.70 -16.31 -7.94
CA ARG A 250 5.40 -17.69 -7.54
C ARG A 250 5.79 -18.72 -8.60
N GLN A 251 5.85 -18.27 -9.86
CA GLN A 251 6.00 -19.18 -11.00
C GLN A 251 7.32 -19.95 -11.04
N ASP A 252 8.37 -19.40 -10.44
CA ASP A 252 9.69 -20.02 -10.50
C ASP A 252 10.42 -19.99 -9.16
N MET A 253 11.32 -20.95 -8.95
CA MET A 253 12.17 -21.01 -7.76
C MET A 253 13.06 -19.79 -7.64
N GLN A 254 13.63 -19.36 -8.76
CA GLN A 254 14.53 -18.21 -8.82
C GLN A 254 13.92 -16.91 -8.30
N THR A 255 12.60 -16.83 -8.27
CA THR A 255 11.88 -15.63 -7.85
C THR A 255 11.17 -15.76 -6.50
N GLY A 256 11.37 -16.88 -5.82
CA GLY A 256 10.79 -17.08 -4.50
C GLY A 256 10.06 -18.39 -4.31
N GLY A 257 9.68 -19.00 -5.42
CA GLY A 257 8.95 -20.27 -5.40
C GLY A 257 7.50 -20.10 -5.03
N ASP A 258 6.89 -21.20 -4.58
CA ASP A 258 5.45 -21.26 -4.33
C ASP A 258 5.02 -20.48 -3.08
N TRP A 259 5.86 -20.51 -2.06
CA TRP A 259 5.56 -19.87 -0.78
C TRP A 259 6.20 -18.48 -0.65
N LEU A 260 6.60 -17.91 -1.79
CA LEU A 260 7.12 -16.54 -1.87
C LEU A 260 8.27 -16.24 -0.90
N VAL A 261 9.28 -17.10 -0.90
CA VAL A 261 10.45 -16.97 -0.04
C VAL A 261 11.37 -15.85 -0.54
N THR A 262 11.80 -15.00 0.39
CA THR A 262 12.70 -13.91 0.07
C THR A 262 14.16 -14.37 0.08
N ASN A 263 14.85 -14.16 -1.04
CA ASN A 263 16.29 -14.39 -1.12
C ASN A 263 16.99 -13.05 -1.26
N MET A 264 17.88 -12.75 -0.32
CA MET A 264 18.52 -11.44 -0.27
C MET A 264 19.64 -11.28 -1.30
N ASP A 265 19.95 -12.36 -2.01
CA ASP A 265 20.98 -12.36 -3.06
C ASP A 265 20.42 -12.23 -4.48
N ARG A 266 19.10 -12.22 -4.62
CA ARG A 266 18.46 -12.05 -5.92
C ARG A 266 19.09 -10.92 -6.73
N GLN A 267 19.51 -11.26 -7.94
CA GLN A 267 20.26 -10.35 -8.78
C GLN A 267 19.39 -9.59 -9.78
N MET A 268 18.31 -10.21 -10.23
CA MET A 268 17.46 -9.64 -11.27
C MET A 268 15.99 -9.70 -10.90
N SER A 269 15.24 -8.70 -11.37
CA SER A 269 13.79 -8.68 -11.20
C SER A 269 13.13 -9.73 -12.09
N VAL A 270 11.89 -10.06 -11.78
CA VAL A 270 11.13 -11.06 -12.51
C VAL A 270 10.90 -10.66 -13.98
N PHE A 271 10.89 -9.36 -14.25
CA PHE A 271 10.69 -8.83 -15.60
C PHE A 271 11.98 -8.90 -16.42
N GLU A 272 13.11 -8.88 -15.72
CA GLU A 272 14.42 -9.00 -16.33
C GLU A 272 14.72 -10.46 -16.67
N LEU A 273 14.46 -11.35 -15.71
CA LEU A 273 14.66 -12.79 -15.87
C LEU A 273 13.72 -13.40 -16.91
N PHE A 274 12.42 -13.08 -16.79
CA PHE A 274 11.42 -13.56 -17.73
C PHE A 274 10.67 -12.38 -18.36
N PRO A 275 11.16 -11.89 -19.50
CA PRO A 275 10.53 -10.77 -20.21
C PRO A 275 9.14 -11.12 -20.76
N GLU A 276 8.79 -12.40 -20.69
CA GLU A 276 7.45 -12.88 -21.02
C GLU A 276 6.39 -12.21 -20.15
N THR A 277 6.69 -12.07 -18.87
CA THR A 277 5.74 -11.57 -17.86
C THR A 277 5.31 -10.13 -18.10
N LEU A 278 6.16 -9.35 -18.76
CA LEU A 278 5.84 -7.98 -19.15
C LEU A 278 4.67 -7.95 -20.13
N LEU A 279 4.64 -8.91 -21.05
CA LEU A 279 3.57 -9.06 -22.03
C LEU A 279 2.25 -9.41 -21.33
N ASN A 280 2.30 -10.40 -20.44
CA ASN A 280 1.13 -10.83 -19.67
C ASN A 280 0.56 -9.72 -18.80
N LEU A 281 1.44 -8.82 -18.36
CA LEU A 281 1.06 -7.66 -17.57
C LEU A 281 0.19 -6.69 -18.38
N GLN A 282 0.53 -6.51 -19.66
CA GLN A 282 -0.25 -5.67 -20.57
C GLN A 282 -1.64 -6.23 -20.79
N ASP A 283 -1.71 -7.54 -21.04
CA ASP A 283 -2.96 -8.24 -21.27
C ASP A 283 -3.94 -8.00 -20.13
N ASP A 284 -3.43 -8.15 -18.91
CA ASP A 284 -4.28 -8.05 -17.73
C ASP A 284 -4.46 -6.64 -17.17
N LEU A 285 -3.55 -5.72 -17.51
CA LEU A 285 -3.74 -4.30 -17.14
C LEU A 285 -4.89 -3.68 -17.93
N GLU A 286 -4.97 -4.00 -19.22
CA GLU A 286 -6.06 -3.54 -20.07
C GLU A 286 -7.41 -4.09 -19.60
N LYS A 287 -7.39 -5.28 -19.01
CA LYS A 287 -8.62 -5.96 -18.58
C LYS A 287 -9.00 -5.63 -17.13
N GLN A 288 -8.00 -5.62 -16.24
CA GLN A 288 -8.24 -5.45 -14.80
C GLN A 288 -8.13 -4.01 -14.31
N GLY A 289 -7.35 -3.20 -15.01
CA GLY A 289 -7.11 -1.82 -14.60
C GLY A 289 -6.09 -1.69 -13.49
N SER A 290 -6.21 -0.63 -12.70
CA SER A 290 -5.25 -0.32 -11.64
C SER A 290 -5.87 -0.38 -10.25
N ASP A 291 -5.05 -0.65 -9.24
CA ASP A 291 -5.48 -0.60 -7.85
C ASP A 291 -5.09 0.71 -7.17
N LEU A 292 -4.18 1.46 -7.81
CA LEU A 292 -3.73 2.75 -7.31
C LEU A 292 -4.87 3.78 -7.23
N ALA A 293 -5.16 4.20 -6.00
CA ALA A 293 -6.29 5.10 -5.74
C ALA A 293 -5.94 6.59 -5.90
N GLY A 294 -4.67 6.93 -5.72
CA GLY A 294 -4.25 8.33 -5.86
C GLY A 294 -2.79 8.62 -5.64
N VAL A 295 -2.41 9.87 -5.88
CA VAL A 295 -1.03 10.33 -5.68
C VAL A 295 -0.95 11.66 -4.96
N ASN A 296 0.08 11.83 -4.15
CA ASN A 296 0.48 13.15 -3.66
C ASN A 296 0.93 13.96 -4.87
N ALA A 297 0.26 15.09 -5.10
CA ALA A 297 0.48 15.85 -6.31
C ALA A 297 0.26 17.34 -6.12
N ASP A 298 1.29 18.11 -6.47
CA ASP A 298 1.17 19.57 -6.52
C ASP A 298 0.22 19.95 -7.67
N PHE A 299 -0.91 20.55 -7.30
CA PHE A 299 -1.92 20.98 -8.27
C PHE A 299 -2.65 22.23 -7.80
N THR A 300 -3.29 22.88 -8.75
CA THR A 300 -4.13 24.03 -8.52
C THR A 300 -5.39 23.93 -9.39
N PHE A 301 -6.50 24.51 -8.97
CA PHE A 301 -7.69 24.61 -9.81
C PHE A 301 -8.24 26.03 -9.78
N ARG A 302 -9.03 26.37 -10.79
CA ARG A 302 -9.74 27.65 -10.85
C ARG A 302 -11.05 27.48 -11.64
N GLU A 303 -12.06 28.27 -11.29
CA GLU A 303 -13.35 28.17 -11.98
C GLU A 303 -13.33 28.90 -13.32
N LEU A 304 -13.75 28.21 -14.38
CA LEU A 304 -13.97 28.82 -15.69
C LEU A 304 -15.43 29.28 -15.78
N LYS A 305 -15.65 30.54 -15.46
CA LYS A 305 -16.98 31.11 -15.29
C LYS A 305 -17.09 32.39 -16.15
N PRO A 306 -18.20 32.52 -16.89
CA PRO A 306 -18.34 33.71 -17.73
C PRO A 306 -19.23 34.82 -17.16
N THR A 307 -20.00 34.52 -16.11
CA THR A 307 -21.13 35.37 -15.71
C THR A 307 -20.95 36.33 -14.51
N LYS A 308 -20.66 35.79 -13.33
CA LYS A 308 -20.70 36.59 -12.10
C LYS A 308 -19.35 36.74 -11.39
N GLU A 309 -19.37 36.70 -10.06
CA GLU A 309 -18.15 36.80 -9.25
C GLU A 309 -17.76 35.45 -8.67
N VAL A 310 -16.49 35.10 -8.83
CA VAL A 310 -15.93 33.89 -8.23
C VAL A 310 -15.71 34.15 -6.74
N LYS A 311 -16.42 33.39 -5.91
CA LYS A 311 -16.42 33.61 -4.46
C LYS A 311 -15.22 32.92 -3.78
N GLU A 312 -15.07 33.19 -2.49
CA GLU A 312 -13.96 32.69 -1.68
C GLU A 312 -13.94 31.16 -1.50
N GLU A 313 -15.11 30.55 -1.58
CA GLU A 313 -15.25 29.11 -1.33
C GLU A 313 -14.87 28.22 -2.53
N VAL A 314 -14.57 28.84 -3.67
CA VAL A 314 -14.14 28.11 -4.87
C VAL A 314 -12.77 28.57 -5.37
N ASP A 315 -12.07 29.35 -4.55
CA ASP A 315 -10.75 29.87 -4.89
C ASP A 315 -9.67 29.06 -4.19
N PHE A 316 -8.73 28.54 -4.98
CA PHE A 316 -7.67 27.67 -4.47
C PHE A 316 -6.90 28.29 -3.30
N GLN A 317 -6.40 29.51 -3.51
CA GLN A 317 -5.55 30.18 -2.53
C GLN A 317 -6.29 30.47 -1.23
N ALA A 318 -7.54 30.95 -1.35
CA ALA A 318 -8.39 31.23 -0.20
C ALA A 318 -8.69 29.96 0.60
N LEU A 319 -9.12 28.91 -0.11
CA LEU A 319 -9.44 27.62 0.51
C LEU A 319 -8.23 26.97 1.19
N SER A 320 -7.06 27.12 0.58
CA SER A 320 -5.83 26.53 1.12
C SER A 320 -5.42 27.23 2.41
N GLU A 321 -5.68 28.53 2.50
CA GLU A 321 -5.41 29.30 3.72
C GLU A 321 -6.37 28.95 4.85
N LYS A 322 -7.64 28.70 4.52
CA LYS A 322 -8.64 28.29 5.51
C LYS A 322 -8.36 26.89 6.06
N CYS A 323 -7.76 26.04 5.24
CA CYS A 323 -7.44 24.68 5.62
C CYS A 323 -6.23 24.65 6.56
N ALA A 324 -5.26 25.51 6.28
CA ALA A 324 -4.03 25.59 7.08
C ALA A 324 -4.30 26.10 8.50
N ASN A 325 -5.31 26.96 8.65
CA ASN A 325 -5.67 27.54 9.93
C ASN A 325 -6.61 26.63 10.74
N ASP A 326 -6.03 25.99 11.76
CA ASP A 326 -6.72 25.02 12.62
C ASP A 326 -7.12 23.74 11.88
N LYS A 338 -0.65 4.21 17.26
CA LYS A 338 -0.53 5.66 17.35
C LYS A 338 -1.64 6.36 16.55
N ARG A 339 -1.74 6.02 15.26
CA ARG A 339 -2.77 6.59 14.40
C ARG A 339 -3.91 5.59 14.25
N GLU A 340 -5.11 6.00 14.62
CA GLU A 340 -6.33 5.22 14.47
C GLU A 340 -6.80 5.01 13.04
N GLU A 341 -6.68 6.04 12.24
CA GLU A 341 -7.17 6.03 10.86
C GLU A 341 -6.04 5.93 9.85
N PRO A 342 -6.25 5.18 8.75
CA PRO A 342 -5.24 5.13 7.68
C PRO A 342 -5.08 6.47 6.97
N SER A 343 -3.96 6.64 6.27
CA SER A 343 -3.68 7.87 5.55
C SER A 343 -3.68 7.68 4.03
N PHE A 344 -3.63 8.81 3.32
CA PHE A 344 -3.67 8.84 1.86
C PHE A 344 -2.44 8.15 1.27
N PRO A 345 -2.65 7.27 0.26
CA PRO A 345 -3.93 6.94 -0.39
C PRO A 345 -4.60 5.63 0.05
N GLN A 346 -4.11 4.99 1.11
CA GLN A 346 -4.77 3.78 1.62
C GLN A 346 -6.21 4.04 2.08
N SER A 347 -6.44 5.24 2.60
CA SER A 347 -7.78 5.67 3.01
C SER A 347 -8.78 5.65 1.85
N MET A 348 -8.26 5.77 0.63
CA MET A 348 -9.09 5.78 -0.57
C MET A 348 -9.07 4.43 -1.31
N SER A 349 -8.38 3.45 -0.73
CA SER A 349 -8.09 2.19 -1.41
C SER A 349 -9.10 1.07 -1.16
N MET A 350 -9.99 1.28 -0.19
CA MET A 350 -10.98 0.26 0.19
C MET A 350 -12.03 0.01 -0.88
N SER A 351 -12.72 1.08 -1.29
CA SER A 351 -13.69 1.01 -2.37
C SER A 351 -13.20 1.83 -3.55
N SER A 352 -12.79 1.14 -4.60
CA SER A 352 -12.47 1.78 -5.86
C SER A 352 -13.78 2.17 -6.54
N ASN A 353 -14.86 1.69 -5.94
CA ASN A 353 -16.21 1.75 -6.49
C ASN A 353 -17.00 2.96 -5.99
N SER A 354 -16.79 3.28 -4.72
CA SER A 354 -17.61 4.24 -4.00
C SER A 354 -16.78 5.28 -3.23
N LEU A 355 -17.40 6.42 -2.96
CA LEU A 355 -16.77 7.46 -2.15
C LEU A 355 -17.41 7.58 -0.77
N HIS A 356 -18.28 6.61 -0.46
CA HIS A 356 -19.00 6.60 0.81
C HIS A 356 -18.11 6.18 1.99
N LYS A 357 -18.27 6.90 3.09
CA LYS A 357 -17.49 6.72 4.33
C LYS A 357 -15.97 6.83 4.13
N SER A 358 -15.58 7.45 3.02
CA SER A 358 -14.18 7.65 2.69
C SER A 358 -13.94 9.09 2.26
N CYS A 359 -12.80 9.63 2.68
CA CYS A 359 -12.43 11.01 2.40
C CYS A 359 -10.91 11.07 2.26
N PRO A 360 -10.41 11.77 1.23
CA PRO A 360 -8.96 11.85 1.00
C PRO A 360 -8.29 12.90 1.89
N LEU A 361 -9.04 13.51 2.78
CA LEU A 361 -8.53 14.59 3.61
C LEU A 361 -8.21 14.15 5.03
N ASP A 362 -7.14 14.71 5.57
CA ASP A 362 -6.83 14.62 6.99
C ASP A 362 -7.89 15.36 7.80
N PHE A 363 -8.12 16.63 7.45
CA PHE A 363 -9.19 17.42 8.08
C PHE A 363 -10.10 18.08 7.04
N GLN A 364 -11.41 17.97 7.26
CA GLN A 364 -12.41 18.48 6.33
C GLN A 364 -13.34 19.49 7.01
N ALA A 365 -13.58 20.61 6.32
CA ALA A 365 -14.47 21.65 6.81
C ALA A 365 -15.92 21.21 6.81
N GLN A 366 -16.76 21.93 7.55
CA GLN A 366 -18.21 21.75 7.48
C GLN A 366 -18.74 22.50 6.25
N ALA A 367 -19.12 21.74 5.23
CA ALA A 367 -19.61 22.31 3.97
C ALA A 367 -20.99 21.75 3.63
N PRO A 368 -22.03 22.60 3.74
CA PRO A 368 -23.44 22.19 3.61
C PRO A 368 -23.81 21.72 2.21
N ASN A 369 -23.17 22.31 1.21
CA ASN A 369 -23.47 21.99 -0.18
C ASN A 369 -22.21 21.67 -0.99
N CYS A 370 -22.41 20.95 -2.08
CA CYS A 370 -21.43 20.88 -3.15
C CYS A 370 -21.68 22.10 -4.03
N ILE A 371 -20.74 23.05 -4.00
CA ILE A 371 -20.87 24.25 -4.82
C ILE A 371 -20.45 23.92 -6.24
N SER A 372 -21.40 24.06 -7.15
CA SER A 372 -21.25 23.66 -8.54
C SER A 372 -20.42 24.67 -9.34
N LEU A 373 -19.42 24.17 -10.06
CA LEU A 373 -18.58 25.00 -10.92
C LEU A 373 -19.05 24.90 -12.37
N ASP A 374 -19.17 26.05 -13.04
CA ASP A 374 -19.55 26.10 -14.45
C ASP A 374 -18.45 25.52 -15.34
N GLY A 375 -17.20 25.75 -14.94
CA GLY A 375 -16.04 25.21 -15.63
C GLY A 375 -14.86 25.09 -14.69
N ILE A 376 -13.88 24.28 -15.08
CA ILE A 376 -12.70 24.06 -14.24
C ILE A 376 -11.42 23.97 -15.05
N GLU A 377 -10.43 24.77 -14.65
CA GLU A 377 -9.08 24.68 -15.17
C GLU A 377 -8.20 24.01 -14.13
N ILE A 378 -7.65 22.85 -14.49
CA ILE A 378 -6.79 22.08 -13.60
C ILE A 378 -5.33 22.26 -14.04
N THR A 379 -4.50 22.72 -13.11
CA THR A 379 -3.06 22.81 -13.35
C THR A 379 -2.36 21.69 -12.58
N LEU A 380 -1.54 20.93 -13.28
CA LEU A 380 -0.89 19.77 -12.72
C LEU A 380 0.62 19.79 -12.98
N ALA A 381 1.39 19.70 -11.91
CA ALA A 381 2.86 19.67 -11.99
C ALA A 381 3.34 18.52 -12.88
N PRO A 382 4.32 18.78 -13.77
CA PRO A 382 4.80 17.79 -14.73
C PRO A 382 5.25 16.46 -14.12
N GLY A 383 5.74 16.49 -12.88
CA GLY A 383 6.17 15.28 -12.17
C GLY A 383 5.10 14.21 -12.00
N VAL A 384 3.83 14.64 -12.02
CA VAL A 384 2.71 13.72 -11.83
C VAL A 384 1.85 13.50 -13.09
N ALA A 385 2.29 14.09 -14.21
CA ALA A 385 1.61 13.92 -15.48
C ALA A 385 1.53 12.46 -15.93
N LYS A 386 2.43 11.63 -15.42
CA LYS A 386 2.44 10.20 -15.73
C LYS A 386 1.34 9.43 -15.00
N TYR A 387 0.45 10.18 -14.33
CA TYR A 387 -0.62 9.55 -13.57
C TYR A 387 -2.01 9.83 -14.15
N LEU A 388 -2.06 10.71 -15.14
CA LEU A 388 -3.31 11.07 -15.83
C LEU A 388 -3.77 9.93 -16.72
N LEU A 389 -2.84 9.41 -17.51
CA LEU A 389 -3.06 8.20 -18.31
C LEU A 389 -3.59 7.09 -17.42
N LEU A 390 -2.84 6.82 -16.35
CA LEU A 390 -3.23 5.88 -15.30
C LEU A 390 -4.65 6.19 -14.82
N ALA A 391 -4.90 7.45 -14.49
CA ALA A 391 -6.20 7.88 -13.99
C ALA A 391 -7.33 7.53 -14.96
N ILE A 392 -7.17 7.89 -16.22
CA ILE A 392 -8.24 7.72 -17.20
C ILE A 392 -8.29 6.29 -17.77
N LYS A 393 -7.17 5.81 -18.29
CA LYS A 393 -7.11 4.48 -18.89
C LYS A 393 -7.31 3.35 -17.88
N ASP A 394 -6.76 3.51 -16.67
CA ASP A 394 -6.71 2.41 -15.70
C ASP A 394 -7.70 2.53 -14.53
N ARG A 395 -8.27 3.71 -14.31
CA ARG A 395 -9.25 3.90 -13.24
C ARG A 395 -10.65 4.28 -13.73
N ILE A 396 -10.78 5.45 -14.33
CA ILE A 396 -12.09 5.97 -14.76
C ILE A 396 -12.75 5.08 -15.82
N ARG A 397 -11.95 4.56 -16.75
CA ARG A 397 -12.46 3.62 -17.76
C ARG A 397 -13.10 2.38 -17.13
N HIS A 398 -12.61 1.98 -15.96
CA HIS A 398 -13.09 0.78 -15.28
C HIS A 398 -14.16 1.07 -14.22
N GLY A 399 -14.65 2.32 -14.20
CA GLY A 399 -15.68 2.74 -13.25
C GLY A 399 -15.14 3.04 -11.86
N ARG A 400 -13.88 3.49 -11.80
CA ARG A 400 -13.22 3.79 -10.53
C ARG A 400 -12.87 5.27 -10.42
N HIS A 401 -12.31 5.65 -9.27
CA HIS A 401 -11.92 7.04 -9.00
C HIS A 401 -10.41 7.17 -8.76
N PHE A 402 -9.91 8.38 -8.95
CA PHE A 402 -8.50 8.66 -8.71
C PHE A 402 -8.35 10.04 -8.10
N THR A 403 -7.54 10.13 -7.04
CA THR A 403 -7.37 11.37 -6.29
C THR A 403 -5.96 11.94 -6.42
N PHE A 404 -5.88 13.23 -6.70
CA PHE A 404 -4.65 14.00 -6.61
C PHE A 404 -4.73 14.83 -5.34
N LYS A 405 -3.86 14.54 -4.39
CA LYS A 405 -3.84 15.30 -3.14
C LYS A 405 -2.66 16.26 -3.12
N ALA A 406 -2.95 17.52 -2.84
CA ALA A 406 -1.90 18.53 -2.71
C ALA A 406 -1.57 18.74 -1.23
N GLN A 407 -1.08 19.91 -0.89
CA GLN A 407 -0.68 20.22 0.48
C GLN A 407 -1.88 20.17 1.44
N HIS A 408 -2.97 20.81 1.05
CA HIS A 408 -4.15 20.91 1.91
C HIS A 408 -5.44 20.41 1.24
N LEU A 409 -5.61 20.71 -0.05
CA LEU A 409 -6.83 20.36 -0.78
C LEU A 409 -6.65 19.08 -1.58
N ALA A 410 -7.76 18.44 -1.95
CA ALA A 410 -7.71 17.23 -2.75
C ALA A 410 -8.66 17.26 -3.95
N LEU A 411 -8.16 16.85 -5.11
CA LEU A 411 -8.92 16.74 -6.35
C LEU A 411 -9.15 15.28 -6.65
N THR A 412 -10.41 14.89 -6.81
CA THR A 412 -10.75 13.52 -7.20
C THR A 412 -11.47 13.49 -8.55
N LEU A 413 -10.96 12.64 -9.45
CA LEU A 413 -11.64 12.34 -10.71
C LEU A 413 -12.60 11.18 -10.51
N VAL A 414 -13.75 11.24 -11.17
CA VAL A 414 -14.87 10.34 -10.89
C VAL A 414 -15.50 9.81 -12.18
N ALA A 415 -15.79 8.51 -12.20
CA ALA A 415 -16.51 7.87 -13.30
C ALA A 415 -18.03 7.93 -13.08
N GLU A 416 -18.80 7.69 -14.13
CA GLU A 416 -20.26 7.77 -14.04
C GLU A 416 -20.88 6.78 -13.04
N SER A 417 -20.25 5.63 -12.87
CA SER A 417 -20.81 4.59 -11.99
C SER A 417 -20.22 4.58 -10.57
N VAL A 418 -19.53 5.66 -10.20
CA VAL A 418 -19.05 5.83 -8.83
C VAL A 418 -20.14 6.42 -7.95
N THR A 419 -20.46 5.73 -6.86
CA THR A 419 -21.48 6.17 -5.92
C THR A 419 -20.88 7.00 -4.78
N GLY A 420 -21.72 7.79 -4.13
CA GLY A 420 -21.29 8.59 -2.97
C GLY A 420 -20.57 9.88 -3.31
N SER A 421 -20.67 10.32 -4.56
CA SER A 421 -20.05 11.58 -4.99
C SER A 421 -21.06 12.72 -4.93
N ALA A 422 -20.55 13.94 -4.83
CA ALA A 422 -21.40 15.13 -4.79
C ALA A 422 -21.62 15.68 -6.19
N VAL A 423 -21.24 14.90 -7.19
CA VAL A 423 -21.17 15.34 -8.57
C VAL A 423 -22.06 14.50 -9.50
N THR A 424 -22.60 15.13 -10.54
CA THR A 424 -23.54 14.48 -11.48
C THR A 424 -23.16 14.80 -12.93
N VAL A 425 -23.77 14.08 -13.88
CA VAL A 425 -23.57 14.36 -15.30
C VAL A 425 -23.87 15.83 -15.65
N ASN A 426 -25.02 16.32 -15.18
CA ASN A 426 -25.46 17.69 -15.45
C ASN A 426 -24.69 18.76 -14.67
N GLU A 427 -24.14 18.38 -13.52
CA GLU A 427 -23.27 19.26 -12.73
C GLU A 427 -21.98 18.52 -12.36
N PRO A 428 -21.05 18.40 -13.31
CA PRO A 428 -19.88 17.52 -13.16
C PRO A 428 -18.73 18.06 -12.31
N TYR A 429 -18.70 19.37 -12.05
CA TYR A 429 -17.58 19.95 -11.30
C TYR A 429 -18.05 20.61 -10.01
N GLY A 430 -17.43 20.23 -8.90
CA GLY A 430 -17.85 20.70 -7.59
C GLY A 430 -16.75 20.74 -6.55
N VAL A 431 -16.95 21.59 -5.54
CA VAL A 431 -16.05 21.72 -4.40
C VAL A 431 -16.83 21.45 -3.12
N LEU A 432 -16.45 20.38 -2.43
CA LEU A 432 -17.08 19.99 -1.17
C LEU A 432 -16.13 20.27 0.00
N GLY A 433 -16.16 21.50 0.49
CA GLY A 433 -15.24 21.95 1.53
C GLY A 433 -13.85 22.13 0.97
N TYR A 434 -12.95 21.22 1.32
CA TYR A 434 -11.59 21.22 0.81
C TYR A 434 -11.35 20.11 -0.21
N TRP A 435 -12.46 19.56 -0.73
CA TRP A 435 -12.42 18.41 -1.62
C TRP A 435 -13.08 18.74 -2.96
N ILE A 436 -12.26 18.80 -4.02
CA ILE A 436 -12.78 19.05 -5.36
C ILE A 436 -13.08 17.74 -6.08
N GLN A 437 -14.25 17.67 -6.70
CA GLN A 437 -14.69 16.49 -7.45
C GLN A 437 -14.99 16.85 -8.91
N VAL A 438 -14.53 15.99 -9.81
CA VAL A 438 -14.63 16.21 -11.25
C VAL A 438 -15.14 14.94 -11.93
N LEU A 439 -16.31 15.04 -12.56
CA LEU A 439 -16.93 13.93 -13.26
C LEU A 439 -16.35 13.80 -14.67
N ILE A 440 -16.00 12.57 -15.03
CA ILE A 440 -15.54 12.25 -16.38
C ILE A 440 -16.51 11.23 -16.99
N PRO A 441 -17.38 11.67 -17.91
CA PRO A 441 -18.36 10.78 -18.55
C PRO A 441 -17.68 9.76 -19.44
N ASP A 442 -18.35 8.64 -19.69
CA ASP A 442 -17.78 7.52 -20.47
C ASP A 442 -17.39 7.93 -21.89
N GLU A 443 -18.24 8.74 -22.52
CA GLU A 443 -18.00 9.32 -23.84
C GLU A 443 -16.72 10.17 -23.93
N LEU A 444 -16.32 10.76 -22.81
CA LEU A 444 -15.15 11.64 -22.77
C LEU A 444 -13.83 10.88 -22.59
N VAL A 445 -13.92 9.65 -22.09
CA VAL A 445 -12.75 8.80 -21.85
C VAL A 445 -11.88 8.58 -23.12
N PRO A 446 -12.50 8.15 -24.25
CA PRO A 446 -11.72 7.95 -25.47
C PRO A 446 -11.07 9.22 -25.99
N ARG A 447 -11.75 10.36 -25.83
CA ARG A 447 -11.21 11.66 -26.22
C ARG A 447 -9.99 12.04 -25.38
N LEU A 448 -10.08 11.85 -24.06
CA LEU A 448 -9.01 12.16 -23.13
C LEU A 448 -7.76 11.30 -23.38
N MET A 449 -7.97 10.00 -23.57
CA MET A 449 -6.89 9.08 -23.89
C MET A 449 -6.18 9.48 -25.18
N GLU A 450 -6.99 9.82 -26.20
CA GLU A 450 -6.50 10.20 -27.52
C GLU A 450 -5.60 11.43 -27.49
N ASP A 451 -6.06 12.47 -26.81
CA ASP A 451 -5.32 13.72 -26.70
C ASP A 451 -4.07 13.60 -25.83
N PHE A 452 -4.09 12.68 -24.86
CA PHE A 452 -2.93 12.43 -24.00
C PHE A 452 -1.76 11.86 -24.78
N CYS A 453 -2.05 11.01 -25.75
CA CYS A 453 -1.04 10.45 -26.63
C CYS A 453 -0.35 11.49 -27.53
N SER A 454 -1.14 12.40 -28.10
CA SER A 454 -0.64 13.47 -28.98
C SER A 454 0.30 14.42 -28.25
N ALA A 455 -0.01 14.67 -26.98
CA ALA A 455 0.85 15.48 -26.11
C ALA A 455 2.07 14.68 -25.64
N GLY A 456 2.01 13.37 -25.83
CA GLY A 456 3.11 12.48 -25.46
C GLY A 456 3.14 12.15 -23.98
N LEU A 457 1.97 11.89 -23.40
CA LEU A 457 1.88 11.51 -22.00
C LEU A 457 1.92 10.00 -21.84
N ASP A 458 3.10 9.50 -21.48
CA ASP A 458 3.36 8.06 -21.33
C ASP A 458 3.46 7.73 -19.85
N GLU A 459 3.62 6.44 -19.55
CA GLU A 459 3.88 5.97 -18.19
C GLU A 459 5.23 6.49 -17.67
N LYS A 460 6.11 6.82 -18.61
CA LYS A 460 7.47 7.27 -18.31
C LYS A 460 7.67 8.77 -18.50
N CYS A 461 6.73 9.42 -19.20
CA CYS A 461 6.85 10.83 -19.59
C CYS A 461 7.09 11.79 -18.43
N GLU A 462 7.69 12.93 -18.75
CA GLU A 462 7.74 14.08 -17.86
C GLU A 462 7.97 15.33 -18.72
N PRO A 463 6.86 15.95 -19.18
CA PRO A 463 6.88 17.08 -20.10
C PRO A 463 7.77 18.23 -19.64
N LYS A 464 8.80 18.54 -20.41
CA LYS A 464 9.66 19.68 -20.12
C LYS A 464 9.10 20.99 -20.66
N GLU A 465 8.02 20.90 -21.44
CA GLU A 465 7.33 22.08 -21.95
C GLU A 465 6.00 22.30 -21.23
N ARG A 466 5.47 23.52 -21.36
CA ARG A 466 4.12 23.83 -20.90
C ARG A 466 3.12 23.20 -21.86
N LEU A 467 2.15 22.47 -21.31
CA LEU A 467 1.13 21.80 -22.13
C LEU A 467 -0.28 22.30 -21.80
N GLU A 468 -0.96 22.82 -22.82
CA GLU A 468 -2.35 23.25 -22.68
C GLU A 468 -3.30 22.30 -23.41
N LEU A 469 -4.25 21.77 -22.67
CA LEU A 469 -5.27 20.87 -23.21
C LEU A 469 -6.65 21.40 -22.83
N GLU A 470 -7.59 21.38 -23.77
CA GLU A 470 -8.92 21.90 -23.52
C GLU A 470 -10.03 21.09 -24.20
N TRP A 471 -11.21 21.13 -23.59
CA TRP A 471 -12.42 20.53 -24.15
C TRP A 471 -13.55 21.51 -23.90
N PRO A 472 -13.78 22.44 -24.85
CA PRO A 472 -14.71 23.57 -24.73
C PRO A 472 -16.17 23.16 -24.53
N ASP A 473 -16.58 22.07 -25.16
CA ASP A 473 -17.93 21.53 -25.03
C ASP A 473 -18.24 21.04 -23.60
N LYS A 474 -17.20 20.65 -22.87
CA LYS A 474 -17.35 20.14 -21.50
C LYS A 474 -16.90 21.13 -20.42
N ASN A 475 -16.50 22.33 -20.84
CA ASN A 475 -15.99 23.38 -19.94
C ASN A 475 -14.85 22.88 -19.03
N LEU A 476 -13.86 22.26 -19.66
CA LEU A 476 -12.77 21.62 -18.93
C LEU A 476 -11.42 21.89 -19.61
N LYS A 477 -10.49 22.44 -18.83
CA LYS A 477 -9.16 22.77 -19.33
C LYS A 477 -8.11 22.15 -18.42
N LEU A 478 -7.05 21.64 -19.04
CA LEU A 478 -5.98 20.97 -18.31
C LEU A 478 -4.62 21.54 -18.72
N ILE A 479 -3.87 22.02 -17.74
CA ILE A 479 -2.55 22.61 -17.99
C ILE A 479 -1.47 21.81 -17.26
N ILE A 480 -0.52 21.27 -18.03
CA ILE A 480 0.64 20.61 -17.45
C ILE A 480 1.77 21.63 -17.34
N ASP A 481 2.01 22.05 -16.10
CA ASP A 481 2.98 23.08 -15.77
C ASP A 481 3.05 23.21 -14.25
N GLN A 482 4.12 23.87 -13.77
CA GLN A 482 4.24 24.18 -12.34
C GLN A 482 3.28 25.33 -11.99
N PRO A 483 2.52 25.17 -10.89
CA PRO A 483 1.54 26.17 -10.40
C PRO A 483 2.11 27.57 -10.16
N GLU A 484 1.28 28.57 -10.42
CA GLU A 484 1.58 30.01 -10.23
C GLU A 484 2.90 30.46 -10.88
#